data_5ULP
#
_entry.id   5ULP
#
_cell.length_a   38.989
_cell.length_b   111.231
_cell.length_c   77.400
_cell.angle_alpha   90.00
_cell.angle_beta   93.87
_cell.angle_gamma   90.00
#
_symmetry.space_group_name_H-M   'P 1 21 1'
#
loop_
_entity.id
_entity.type
_entity.pdbx_description
1 polymer 'MRNA cap 0-1 NS5-type methyltransferase'
2 non-polymer "5'-{[(3S)-3-amino-3-carboxypropyl][(4-fluorophenyl)methyl]amino}-5'-deoxyadenosine"
3 non-polymer 'CHLORIDE ION'
4 non-polymer UREA
5 non-polymer 'ISOPROPYL ALCOHOL'
6 non-polymer 'SODIUM ION'
7 water water
#
_entity_poly.entity_id   1
_entity_poly.type   'polypeptide(L)'
_entity_poly.pdbx_seq_one_letter_code
;GGGTGETLGEKWKARLNQMSALEFYSYKKSGITEVCREEARRALKDGVATGGHAVSRGSAKLRWLVERGYLQPYGKVIDL
GCGRGGWSYYAATIRKVQEVKGYTKGGPGHEEPMLVQSYGWNIVRLKSGVDVFHMAAEPCDTLLCDIGESSSSPEVEEAR
TLRVLSMVGDWLEKRPGAFCIKVLCPYTSTMMETLERLQRRYGGGLVRVPLSRNSTHEMYWVSGAKSNTIKSVSTTSQLL
LGRMDGPRRPVKYEEDVNLGSGTRAVVS
;
_entity_poly.pdbx_strand_id   A,B
#
loop_
_chem_comp.id
_chem_comp.type
_chem_comp.name
_chem_comp.formula
CL non-polymer 'CHLORIDE ION' 'Cl -1'
IPA non-polymer 'ISOPROPYL ALCOHOL' 'C3 H8 O'
KB1 non-polymer 5'-{[(3S)-3-amino-3-carboxypropyl][(4-fluorophenyl)methyl]amino}-5'-deoxyadenosine 'C21 H26 F N7 O5'
NA non-polymer 'SODIUM ION' 'Na 1'
URE non-polymer UREA 'C H4 N2 O'
#
# COMPACT_ATOMS: atom_id res chain seq x y z
N GLY A 5 35.96 -20.89 0.28
CA GLY A 5 35.66 -19.50 0.56
C GLY A 5 34.17 -19.21 0.68
N GLU A 6 33.78 -18.62 1.80
CA GLU A 6 32.39 -18.22 2.01
C GLU A 6 31.96 -17.20 0.96
N THR A 7 30.83 -17.46 0.31
CA THR A 7 30.34 -16.53 -0.69
C THR A 7 29.65 -15.35 0.00
N LEU A 8 29.43 -14.28 -0.78
CA LEU A 8 28.70 -13.13 -0.25
C LEU A 8 27.31 -13.53 0.24
N GLY A 9 26.64 -14.44 -0.49
CA GLY A 9 25.33 -14.90 -0.07
C GLY A 9 25.37 -15.67 1.24
N GLU A 10 26.40 -16.50 1.43
CA GLU A 10 26.54 -17.21 2.69
C GLU A 10 26.83 -16.26 3.85
N LYS A 11 27.59 -15.19 3.59
CA LYS A 11 27.78 -14.13 4.57
C LYS A 11 26.46 -13.43 4.91
N TRP A 12 25.65 -13.16 3.89
CA TRP A 12 24.34 -12.56 4.14
C TRP A 12 23.48 -13.46 5.02
N LYS A 13 23.49 -14.76 4.76
CA LYS A 13 22.62 -15.69 5.49
C LYS A 13 23.05 -15.81 6.95
N ALA A 14 24.35 -15.83 7.19
CA ALA A 14 24.85 -15.88 8.57
C ALA A 14 24.46 -14.64 9.33
N ARG A 15 24.58 -13.47 8.69
CA ARG A 15 24.14 -12.24 9.36
C ARG A 15 22.65 -12.22 9.59
N LEU A 16 21.85 -12.69 8.61
CA LEU A 16 20.42 -12.76 8.79
C LEU A 16 20.07 -13.57 10.04
N ASN A 17 20.74 -14.71 10.24
CA ASN A 17 20.44 -15.55 11.39
C ASN A 17 20.91 -14.95 12.70
N GLN A 18 21.81 -13.96 12.65
CA GLN A 18 22.27 -13.29 13.86
C GLN A 18 21.34 -12.16 14.29
N MET A 19 20.41 -11.73 13.44
CA MET A 19 19.57 -10.60 13.76
C MET A 19 18.57 -10.93 14.87
N SER A 20 18.33 -9.96 15.73
CA SER A 20 17.22 -10.06 16.66
C SER A 20 15.90 -9.93 15.91
N ALA A 21 14.81 -10.29 16.60
CA ALA A 21 13.49 -10.19 15.98
C ALA A 21 13.23 -8.77 15.48
N LEU A 22 13.60 -7.75 16.27
CA LEU A 22 13.34 -6.38 15.87
C LEU A 22 14.18 -5.99 14.65
N GLU A 23 15.45 -6.39 14.62
CA GLU A 23 16.29 -6.10 13.47
C GLU A 23 15.74 -6.78 12.21
N PHE A 24 15.31 -8.03 12.35
CA PHE A 24 14.76 -8.77 11.22
C PHE A 24 13.48 -8.13 10.71
N TYR A 25 12.60 -7.71 11.63
CA TYR A 25 11.34 -7.06 11.25
C TYR A 25 11.60 -5.81 10.43
N SER A 26 12.55 -4.97 10.84
CA SER A 26 12.79 -3.73 10.11
C SER A 26 13.59 -3.99 8.85
N TYR A 27 14.39 -5.05 8.82
CA TYR A 27 15.22 -5.33 7.64
C TYR A 27 14.41 -5.91 6.49
N LYS A 28 13.43 -6.77 6.78
CA LYS A 28 12.88 -7.64 5.75
C LYS A 28 12.23 -6.88 4.61
N LYS A 29 11.64 -5.70 4.88
CA LYS A 29 11.02 -4.92 3.82
C LYS A 29 11.77 -3.63 3.51
N SER A 30 12.95 -3.41 4.11
CA SER A 30 13.67 -2.15 3.90
C SER A 30 14.01 -1.94 2.43
N GLY A 31 13.45 -0.89 1.84
CA GLY A 31 13.76 -0.52 0.48
C GLY A 31 13.19 -1.41 -0.61
N ILE A 32 12.34 -2.37 -0.26
CA ILE A 32 11.82 -3.24 -1.31
C ILE A 32 10.66 -2.59 -2.03
N THR A 33 10.23 -3.21 -3.13
CA THR A 33 9.01 -2.84 -3.83
C THR A 33 7.89 -3.75 -3.35
N GLU A 34 6.69 -3.18 -3.17
CA GLU A 34 5.56 -3.93 -2.63
C GLU A 34 4.30 -3.49 -3.36
N VAL A 35 3.31 -4.40 -3.43
CA VAL A 35 1.94 -3.99 -3.75
C VAL A 35 1.15 -3.91 -2.46
N CYS A 36 0.27 -2.93 -2.37
N CYS A 36 0.27 -2.92 -2.37
CA CYS A 36 -0.60 -2.84 -1.21
CA CYS A 36 -0.67 -2.82 -1.27
C CYS A 36 -1.80 -3.75 -1.44
C CYS A 36 -1.79 -3.81 -1.49
N ARG A 37 -1.97 -4.74 -0.58
CA ARG A 37 -2.95 -5.79 -0.74
C ARG A 37 -4.22 -5.55 0.05
N GLU A 38 -4.39 -4.38 0.67
CA GLU A 38 -5.52 -4.22 1.58
C GLU A 38 -6.85 -4.35 0.85
N GLU A 39 -6.97 -3.76 -0.35
CA GLU A 39 -8.24 -3.84 -1.07
C GLU A 39 -8.54 -5.27 -1.50
N ALA A 40 -7.53 -5.99 -2.01
CA ALA A 40 -7.78 -7.35 -2.46
C ALA A 40 -8.12 -8.27 -1.30
N ARG A 41 -7.40 -8.13 -0.17
CA ARG A 41 -7.66 -8.99 0.97
C ARG A 41 -9.10 -8.81 1.46
N ARG A 42 -9.55 -7.56 1.56
CA ARG A 42 -10.93 -7.30 1.96
C ARG A 42 -11.93 -7.89 0.97
N ALA A 43 -11.70 -7.68 -0.33
CA ALA A 43 -12.64 -8.17 -1.34
C ALA A 43 -12.70 -9.69 -1.34
N LEU A 44 -11.55 -10.36 -1.27
CA LEU A 44 -11.55 -11.82 -1.27
C LEU A 44 -12.18 -12.38 -0.01
N LYS A 45 -11.95 -11.73 1.14
CA LYS A 45 -12.60 -12.15 2.37
C LYS A 45 -14.12 -12.02 2.25
N ASP A 46 -14.60 -11.00 1.54
CA ASP A 46 -16.03 -10.81 1.33
C ASP A 46 -16.59 -11.63 0.17
N GLY A 47 -15.82 -12.57 -0.38
CA GLY A 47 -16.33 -13.43 -1.42
C GLY A 47 -16.49 -12.80 -2.79
N VAL A 48 -15.88 -11.64 -3.02
CA VAL A 48 -15.96 -10.98 -4.32
C VAL A 48 -15.02 -11.67 -5.29
N ALA A 49 -15.58 -12.27 -6.35
CA ALA A 49 -14.79 -12.98 -7.36
C ALA A 49 -14.65 -12.20 -8.65
N THR A 50 -15.31 -11.05 -8.79
CA THR A 50 -15.42 -10.37 -10.07
C THR A 50 -14.78 -8.99 -10.07
N GLY A 51 -14.03 -8.63 -9.03
CA GLY A 51 -13.46 -7.31 -8.90
C GLY A 51 -12.11 -7.10 -9.53
N GLY A 52 -11.51 -8.13 -10.14
CA GLY A 52 -10.21 -8.02 -10.77
C GLY A 52 -9.04 -8.27 -9.83
N HIS A 53 -9.32 -8.56 -8.57
CA HIS A 53 -8.25 -8.68 -7.58
C HIS A 53 -7.39 -9.90 -7.84
N ALA A 54 -6.10 -9.76 -7.55
CA ALA A 54 -5.20 -10.89 -7.56
C ALA A 54 -5.38 -11.69 -6.27
N VAL A 55 -5.27 -13.03 -6.37
CA VAL A 55 -5.48 -13.88 -5.20
C VAL A 55 -4.28 -13.90 -4.27
N SER A 56 -3.11 -13.44 -4.72
CA SER A 56 -1.91 -13.43 -3.91
C SER A 56 -0.96 -12.38 -4.46
N ARG A 57 0.11 -12.11 -3.70
CA ARG A 57 1.20 -11.26 -4.17
C ARG A 57 1.93 -11.85 -5.36
N GLY A 58 1.72 -13.13 -5.66
CA GLY A 58 2.42 -13.75 -6.76
C GLY A 58 2.12 -13.13 -8.11
N SER A 59 0.89 -12.66 -8.31
CA SER A 59 0.55 -12.07 -9.62
C SER A 59 1.44 -10.88 -9.92
N ALA A 60 1.70 -10.03 -8.90
CA ALA A 60 2.57 -8.88 -9.13
C ALA A 60 4.00 -9.29 -9.43
N LYS A 61 4.48 -10.40 -8.84
CA LYS A 61 5.84 -10.83 -9.14
CA LYS A 61 5.83 -10.85 -9.13
C LYS A 61 5.94 -11.33 -10.57
N LEU A 62 4.96 -12.11 -11.03
CA LEU A 62 5.03 -12.57 -12.41
C LEU A 62 4.83 -11.41 -13.38
N ARG A 63 3.95 -10.45 -13.02
CA ARG A 63 3.76 -9.26 -13.85
C ARG A 63 5.08 -8.51 -14.03
N TRP A 64 5.86 -8.37 -12.95
CA TRP A 64 7.12 -7.64 -13.06
C TRP A 64 8.02 -8.29 -14.10
N LEU A 65 8.07 -9.62 -14.10
CA LEU A 65 8.92 -10.36 -15.04
C LEU A 65 8.39 -10.23 -16.47
N VAL A 66 7.09 -10.48 -16.66
CA VAL A 66 6.52 -10.51 -18.01
C VAL A 66 6.55 -9.12 -18.66
N GLU A 67 6.22 -8.08 -17.90
CA GLU A 67 6.21 -6.74 -18.50
C GLU A 67 7.58 -6.29 -18.96
N ARG A 68 8.65 -6.85 -18.41
CA ARG A 68 10.01 -6.52 -18.82
C ARG A 68 10.59 -7.51 -19.82
N GLY A 69 9.81 -8.50 -20.25
CA GLY A 69 10.28 -9.45 -21.23
C GLY A 69 11.16 -10.55 -20.69
N TYR A 70 11.17 -10.76 -19.36
CA TYR A 70 11.95 -11.86 -18.85
C TYR A 70 11.39 -13.21 -19.24
N LEU A 71 10.10 -13.28 -19.57
CA LEU A 71 9.56 -14.39 -20.32
C LEU A 71 8.30 -13.91 -21.02
N GLN A 72 7.91 -14.69 -22.04
CA GLN A 72 6.78 -14.36 -22.90
C GLN A 72 5.86 -15.57 -22.92
N PRO A 73 4.96 -15.67 -21.95
CA PRO A 73 4.11 -16.87 -21.88
C PRO A 73 3.24 -17.02 -23.12
N TYR A 74 3.00 -18.29 -23.49
CA TYR A 74 2.17 -18.58 -24.65
C TYR A 74 1.65 -20.01 -24.54
N GLY A 75 0.59 -20.28 -25.31
CA GLY A 75 0.14 -21.65 -25.49
C GLY A 75 -0.40 -22.27 -24.20
N LYS A 76 0.01 -23.50 -23.96
CA LYS A 76 -0.40 -24.23 -22.77
C LYS A 76 0.61 -23.96 -21.66
N VAL A 77 0.12 -23.41 -20.55
CA VAL A 77 0.93 -23.08 -19.37
C VAL A 77 0.71 -24.13 -18.30
N ILE A 78 1.80 -24.62 -17.73
CA ILE A 78 1.76 -25.47 -16.55
C ILE A 78 2.40 -24.71 -15.40
N ASP A 79 1.69 -24.64 -14.27
CA ASP A 79 2.10 -23.87 -13.09
C ASP A 79 2.27 -24.86 -11.93
N LEU A 80 3.51 -25.23 -11.66
CA LEU A 80 3.84 -26.19 -10.60
C LEU A 80 3.94 -25.46 -9.27
N GLY A 81 3.21 -25.96 -8.27
CA GLY A 81 3.14 -25.27 -6.99
C GLY A 81 2.30 -24.01 -7.09
N CYS A 82 1.05 -24.13 -7.58
CA CYS A 82 0.30 -22.92 -7.89
C CYS A 82 -0.28 -22.22 -6.67
N GLY A 83 -0.39 -22.91 -5.53
CA GLY A 83 -0.97 -22.26 -4.36
C GLY A 83 -2.37 -21.77 -4.65
N ARG A 84 -2.66 -20.55 -4.19
CA ARG A 84 -3.96 -19.93 -4.47
C ARG A 84 -4.18 -19.72 -5.96
N GLY A 85 -3.10 -19.56 -6.71
CA GLY A 85 -3.22 -19.39 -8.15
C GLY A 85 -2.76 -18.07 -8.74
N GLY A 86 -1.98 -17.26 -8.02
CA GLY A 86 -1.62 -15.93 -8.51
C GLY A 86 -0.91 -15.93 -9.85
N TRP A 87 0.00 -16.89 -10.07
CA TRP A 87 0.66 -16.94 -11.37
C TRP A 87 -0.28 -17.46 -12.44
N SER A 88 -1.12 -18.43 -12.09
CA SER A 88 -2.02 -19.02 -13.08
C SER A 88 -3.02 -17.99 -13.58
N TYR A 89 -3.62 -17.22 -12.66
CA TYR A 89 -4.60 -16.23 -13.10
C TYR A 89 -3.94 -15.10 -13.87
N TYR A 90 -2.72 -14.69 -13.51
CA TYR A 90 -2.05 -13.69 -14.32
C TYR A 90 -1.77 -14.22 -15.72
N ALA A 91 -1.28 -15.46 -15.81
CA ALA A 91 -0.98 -16.04 -17.12
C ALA A 91 -2.23 -16.11 -18.00
N ALA A 92 -3.38 -16.35 -17.40
CA ALA A 92 -4.61 -16.48 -18.19
C ALA A 92 -5.03 -15.17 -18.87
N THR A 93 -4.48 -14.02 -18.45
CA THR A 93 -4.82 -12.75 -19.09
C THR A 93 -3.97 -12.45 -20.31
N ILE A 94 -2.96 -13.27 -20.57
CA ILE A 94 -1.96 -12.98 -21.59
C ILE A 94 -2.48 -13.48 -22.93
N ARG A 95 -2.45 -12.59 -23.94
CA ARG A 95 -3.12 -12.89 -25.21
C ARG A 95 -2.68 -14.23 -25.80
N LYS A 96 -1.37 -14.51 -25.82
CA LYS A 96 -0.92 -15.75 -26.47
C LYS A 96 -1.18 -17.00 -25.65
N VAL A 97 -1.53 -16.87 -24.37
CA VAL A 97 -1.82 -18.05 -23.56
C VAL A 97 -3.20 -18.57 -23.92
N GLN A 98 -3.33 -19.89 -24.04
CA GLN A 98 -4.60 -20.48 -24.38
C GLN A 98 -5.13 -21.47 -23.36
N GLU A 99 -4.32 -21.93 -22.42
CA GLU A 99 -4.76 -22.89 -21.42
C GLU A 99 -3.79 -22.79 -20.24
N VAL A 100 -4.31 -22.87 -19.01
CA VAL A 100 -3.48 -22.82 -17.81
C VAL A 100 -3.86 -23.97 -16.90
N LYS A 101 -2.90 -24.80 -16.56
CA LYS A 101 -3.09 -25.91 -15.63
C LYS A 101 -2.14 -25.74 -14.46
N GLY A 102 -2.71 -25.54 -13.26
CA GLY A 102 -1.94 -25.37 -12.05
C GLY A 102 -2.09 -26.59 -11.15
N TYR A 103 -1.02 -26.92 -10.45
CA TYR A 103 -1.01 -28.08 -9.55
C TYR A 103 -0.43 -27.65 -8.22
N THR A 104 -1.07 -28.04 -7.12
CA THR A 104 -0.52 -27.64 -5.83
C THR A 104 -0.90 -28.70 -4.80
N LYS A 105 -0.10 -28.75 -3.72
CA LYS A 105 -0.26 -29.84 -2.77
C LYS A 105 -1.49 -29.67 -1.91
N GLY A 106 -1.74 -28.46 -1.42
CA GLY A 106 -2.86 -28.22 -0.52
C GLY A 106 -2.65 -28.99 0.79
N GLY A 107 -3.74 -29.13 1.53
CA GLY A 107 -3.67 -29.82 2.80
C GLY A 107 -3.22 -28.91 3.91
N PRO A 108 -3.05 -29.46 5.12
CA PRO A 108 -2.76 -28.61 6.29
C PRO A 108 -1.50 -27.80 6.11
N GLY A 109 -1.61 -26.51 6.42
CA GLY A 109 -0.48 -25.61 6.35
C GLY A 109 -0.11 -25.16 4.95
N HIS A 110 -0.89 -25.53 3.94
CA HIS A 110 -0.59 -25.17 2.56
C HIS A 110 -1.82 -24.55 1.91
N GLU A 111 -1.62 -23.53 1.08
CA GLU A 111 -2.74 -22.84 0.46
C GLU A 111 -3.47 -23.74 -0.53
N GLU A 112 -4.81 -23.65 -0.53
CA GLU A 112 -5.66 -24.24 -1.54
C GLU A 112 -5.86 -23.27 -2.71
N PRO A 113 -6.10 -23.80 -3.90
CA PRO A 113 -6.50 -22.93 -5.01
C PRO A 113 -7.73 -22.10 -4.66
N MET A 114 -7.72 -20.84 -5.08
CA MET A 114 -8.83 -19.92 -4.90
CA MET A 114 -8.84 -19.93 -4.91
C MET A 114 -9.55 -19.76 -6.24
N LEU A 115 -10.87 -19.93 -6.24
CA LEU A 115 -11.67 -19.79 -7.45
C LEU A 115 -12.17 -18.35 -7.56
N VAL A 116 -11.66 -17.61 -8.55
CA VAL A 116 -12.14 -16.27 -8.81
C VAL A 116 -12.41 -16.14 -10.32
N GLN A 117 -13.01 -15.01 -10.69
CA GLN A 117 -13.40 -14.83 -12.09
C GLN A 117 -12.70 -13.62 -12.71
N SER A 118 -11.39 -13.53 -12.49
CA SER A 118 -10.59 -12.56 -13.22
C SER A 118 -10.53 -12.96 -14.70
N TYR A 119 -10.07 -12.03 -15.54
CA TYR A 119 -10.12 -12.23 -16.99
C TYR A 119 -9.42 -13.53 -17.41
N GLY A 120 -10.12 -14.34 -18.20
CA GLY A 120 -9.57 -15.60 -18.63
C GLY A 120 -9.75 -16.75 -17.65
N TRP A 121 -10.51 -16.56 -16.58
CA TRP A 121 -10.64 -17.60 -15.57
C TRP A 121 -11.13 -18.91 -16.16
N ASN A 122 -11.90 -18.87 -17.24
CA ASN A 122 -12.45 -20.12 -17.73
C ASN A 122 -11.44 -21.02 -18.40
N ILE A 123 -10.24 -20.54 -18.76
CA ILE A 123 -9.19 -21.41 -19.31
C ILE A 123 -8.23 -21.92 -18.23
N VAL A 124 -8.51 -21.64 -16.95
CA VAL A 124 -7.65 -22.04 -15.84
C VAL A 124 -8.22 -23.28 -15.17
N ARG A 125 -7.40 -24.31 -15.01
CA ARG A 125 -7.78 -25.47 -14.20
C ARG A 125 -6.74 -25.63 -13.10
N LEU A 126 -7.15 -25.41 -11.85
CA LEU A 126 -6.28 -25.57 -10.70
C LEU A 126 -6.64 -26.85 -9.97
N LYS A 127 -5.65 -27.66 -9.68
CA LYS A 127 -5.87 -28.95 -9.03
C LYS A 127 -5.07 -29.00 -7.74
N SER A 128 -5.76 -29.24 -6.62
CA SER A 128 -5.12 -29.45 -5.35
C SER A 128 -4.89 -30.94 -5.08
N GLY A 129 -4.21 -31.23 -3.99
CA GLY A 129 -3.93 -32.61 -3.64
C GLY A 129 -2.84 -33.26 -4.47
N VAL A 130 -2.02 -32.47 -5.16
CA VAL A 130 -1.02 -32.98 -6.09
C VAL A 130 0.37 -32.64 -5.57
N ASP A 131 1.18 -33.66 -5.31
CA ASP A 131 2.59 -33.48 -5.02
C ASP A 131 3.35 -33.57 -6.34
N VAL A 132 3.93 -32.45 -6.81
CA VAL A 132 4.49 -32.47 -8.15
C VAL A 132 5.74 -33.33 -8.25
N PHE A 133 6.37 -33.66 -7.12
CA PHE A 133 7.51 -34.57 -7.17
C PHE A 133 7.12 -35.99 -7.53
N HIS A 134 5.83 -36.33 -7.48
CA HIS A 134 5.35 -37.66 -7.83
C HIS A 134 4.54 -37.65 -9.11
N MET A 135 4.64 -36.59 -9.89
CA MET A 135 3.83 -36.37 -11.07
C MET A 135 4.69 -36.54 -12.31
N ALA A 136 4.21 -37.33 -13.26
CA ALA A 136 4.92 -37.48 -14.52
C ALA A 136 4.89 -36.15 -15.26
N ALA A 137 6.05 -35.75 -15.80
CA ALA A 137 6.08 -34.55 -16.61
C ALA A 137 5.23 -34.73 -17.86
N GLU A 138 4.63 -33.64 -18.32
CA GLU A 138 3.84 -33.64 -19.53
C GLU A 138 4.26 -32.44 -20.38
N PRO A 139 4.07 -32.52 -21.69
CA PRO A 139 4.48 -31.40 -22.55
C PRO A 139 3.71 -30.14 -22.24
N CYS A 140 4.38 -29.01 -22.40
CA CYS A 140 3.72 -27.73 -22.30
C CYS A 140 4.55 -26.74 -23.09
N ASP A 141 3.97 -25.56 -23.30
CA ASP A 141 4.65 -24.47 -24.00
C ASP A 141 5.36 -23.55 -23.01
N THR A 142 4.71 -23.26 -21.89
CA THR A 142 5.27 -22.40 -20.85
C THR A 142 5.27 -23.16 -19.54
N LEU A 143 6.43 -23.25 -18.91
CA LEU A 143 6.59 -23.98 -17.65
C LEU A 143 6.88 -22.98 -16.53
N LEU A 144 6.01 -22.94 -15.52
CA LEU A 144 6.19 -22.10 -14.35
C LEU A 144 6.36 -22.98 -13.13
N CYS A 145 7.26 -22.58 -12.22
CA CYS A 145 7.38 -23.29 -10.94
C CYS A 145 7.79 -22.30 -9.87
N ASP A 146 7.07 -22.26 -8.74
CA ASP A 146 7.32 -21.29 -7.69
C ASP A 146 7.56 -21.98 -6.35
N ILE A 147 8.11 -23.18 -6.38
CA ILE A 147 8.33 -23.99 -5.18
C ILE A 147 9.68 -23.70 -4.56
N GLY A 148 9.69 -23.59 -3.23
CA GLY A 148 10.92 -23.51 -2.46
C GLY A 148 10.64 -22.85 -1.14
N GLU A 149 10.77 -23.61 -0.06
CA GLU A 149 10.44 -23.15 1.28
C GLU A 149 11.70 -22.70 2.00
N SER A 150 11.67 -21.47 2.53
CA SER A 150 12.82 -20.91 3.22
C SER A 150 13.18 -21.74 4.44
N SER A 151 14.46 -21.72 4.79
CA SER A 151 14.96 -22.36 5.99
C SER A 151 16.07 -21.50 6.56
N SER A 152 16.22 -21.54 7.89
CA SER A 152 17.35 -20.84 8.50
C SER A 152 18.67 -21.50 8.12
N SER A 153 18.64 -22.75 7.70
CA SER A 153 19.85 -23.47 7.33
C SER A 153 20.13 -23.32 5.84
N PRO A 154 21.27 -22.74 5.45
CA PRO A 154 21.60 -22.70 4.02
C PRO A 154 21.81 -24.08 3.40
N GLU A 155 22.27 -25.06 4.19
CA GLU A 155 22.36 -26.42 3.67
C GLU A 155 20.98 -27.00 3.33
N VAL A 156 19.98 -26.71 4.18
CA VAL A 156 18.62 -27.14 3.87
C VAL A 156 18.10 -26.43 2.62
N GLU A 157 18.35 -25.11 2.52
CA GLU A 157 17.87 -24.39 1.34
C GLU A 157 18.52 -24.93 0.08
N GLU A 158 19.82 -25.25 0.13
CA GLU A 158 20.46 -25.83 -1.05
C GLU A 158 19.86 -27.18 -1.40
N ALA A 159 19.64 -28.03 -0.39
CA ALA A 159 19.05 -29.35 -0.66
C ALA A 159 17.66 -29.22 -1.27
N ARG A 160 16.86 -28.26 -0.77
CA ARG A 160 15.53 -28.06 -1.33
C ARG A 160 15.59 -27.54 -2.76
N THR A 161 16.54 -26.65 -3.04
CA THR A 161 16.66 -26.09 -4.38
C THR A 161 17.13 -27.15 -5.36
N LEU A 162 18.08 -27.99 -4.93
CA LEU A 162 18.53 -29.08 -5.80
C LEU A 162 17.38 -30.03 -6.11
N ARG A 163 16.53 -30.31 -5.12
CA ARG A 163 15.37 -31.17 -5.35
C ARG A 163 14.40 -30.56 -6.35
N VAL A 164 14.12 -29.25 -6.22
CA VAL A 164 13.24 -28.60 -7.20
C VAL A 164 13.85 -28.67 -8.59
N LEU A 165 15.13 -28.33 -8.71
CA LEU A 165 15.78 -28.25 -10.02
C LEU A 165 15.87 -29.61 -10.67
N SER A 166 16.13 -30.66 -9.87
CA SER A 166 16.13 -32.01 -10.43
C SER A 166 14.77 -32.37 -11.00
N MET A 167 13.69 -32.05 -10.27
CA MET A 167 12.33 -32.30 -10.74
C MET A 167 12.00 -31.49 -11.99
N VAL A 168 12.36 -30.20 -12.00
CA VAL A 168 12.03 -29.33 -13.12
C VAL A 168 12.73 -29.82 -14.40
N GLY A 169 13.91 -30.42 -14.26
CA GLY A 169 14.63 -30.92 -15.43
C GLY A 169 13.80 -31.86 -16.28
N ASP A 170 13.02 -32.73 -15.63
CA ASP A 170 12.15 -33.65 -16.35
C ASP A 170 11.11 -32.90 -17.20
N TRP A 171 10.62 -31.77 -16.69
CA TRP A 171 9.67 -30.97 -17.46
C TRP A 171 10.37 -30.20 -18.57
N LEU A 172 11.58 -29.70 -18.32
CA LEU A 172 12.29 -28.94 -19.35
C LEU A 172 12.70 -29.83 -20.52
N GLU A 173 12.86 -31.12 -20.27
CA GLU A 173 13.19 -32.06 -21.34
C GLU A 173 12.07 -32.17 -22.37
N LYS A 174 10.86 -31.76 -22.02
CA LYS A 174 9.76 -31.64 -22.98
C LYS A 174 9.88 -30.40 -23.85
N ARG A 175 10.86 -29.54 -23.58
CA ARG A 175 11.21 -28.36 -24.36
C ARG A 175 10.10 -27.31 -24.42
N PRO A 176 9.63 -26.79 -23.28
CA PRO A 176 8.80 -25.58 -23.32
C PRO A 176 9.62 -24.42 -23.88
N GLY A 177 8.96 -23.55 -24.62
CA GLY A 177 9.66 -22.39 -25.15
C GLY A 177 9.83 -21.25 -24.18
N ALA A 178 9.08 -21.24 -23.08
CA ALA A 178 9.16 -20.18 -22.07
C ALA A 178 9.14 -20.85 -20.71
N PHE A 179 9.89 -20.28 -19.76
CA PHE A 179 9.87 -20.84 -18.41
C PHE A 179 10.23 -19.80 -17.37
N CYS A 180 9.74 -20.03 -16.16
CA CYS A 180 10.06 -19.20 -14.99
C CYS A 180 10.08 -20.12 -13.79
N ILE A 181 11.24 -20.30 -13.17
CA ILE A 181 11.46 -21.30 -12.13
CA ILE A 181 11.46 -21.29 -12.14
C ILE A 181 12.10 -20.61 -10.94
N LYS A 182 11.46 -20.71 -9.77
CA LYS A 182 12.05 -20.14 -8.57
C LYS A 182 13.28 -20.94 -8.16
N VAL A 183 14.35 -20.21 -7.81
CA VAL A 183 15.58 -20.78 -7.30
C VAL A 183 15.74 -20.22 -5.89
N LEU A 184 15.33 -21.01 -4.89
CA LEU A 184 15.35 -20.57 -3.50
C LEU A 184 16.74 -20.16 -3.04
N CYS A 185 17.72 -21.01 -3.30
CA CYS A 185 19.10 -20.81 -2.86
C CYS A 185 20.02 -20.79 -4.08
N PRO A 186 20.37 -19.62 -4.60
CA PRO A 186 21.35 -19.54 -5.71
C PRO A 186 22.77 -19.23 -5.27
N TYR A 187 23.03 -19.12 -3.97
CA TYR A 187 24.15 -18.35 -3.46
C TYR A 187 25.31 -19.19 -2.93
N THR A 188 25.19 -20.52 -2.91
CA THR A 188 26.34 -21.31 -2.54
C THR A 188 27.19 -21.62 -3.77
N SER A 189 28.46 -21.90 -3.53
CA SER A 189 29.36 -22.27 -4.61
C SER A 189 28.82 -23.44 -5.41
N THR A 190 28.30 -24.46 -4.72
CA THR A 190 27.71 -25.61 -5.40
C THR A 190 26.51 -25.21 -6.23
N MET A 191 25.66 -24.33 -5.70
CA MET A 191 24.47 -23.94 -6.45
C MET A 191 24.85 -23.14 -7.69
N MET A 192 25.84 -22.25 -7.56
CA MET A 192 26.21 -21.43 -8.72
C MET A 192 26.75 -22.31 -9.84
N GLU A 193 27.53 -23.32 -9.48
CA GLU A 193 28.00 -24.29 -10.49
C GLU A 193 26.84 -25.03 -11.14
N THR A 194 25.89 -25.51 -10.32
CA THR A 194 24.72 -26.21 -10.85
C THR A 194 23.92 -25.33 -11.80
N LEU A 195 23.70 -24.08 -11.42
CA LEU A 195 22.89 -23.19 -12.22
C LEU A 195 23.57 -22.84 -13.53
N GLU A 196 24.90 -22.67 -13.50
CA GLU A 196 25.66 -22.45 -14.72
C GLU A 196 25.50 -23.63 -15.68
N ARG A 197 25.58 -24.87 -15.16
CA ARG A 197 25.40 -26.04 -16.01
CA ARG A 197 25.40 -26.04 -16.01
C ARG A 197 23.99 -26.07 -16.60
N LEU A 198 22.99 -25.72 -15.79
CA LEU A 198 21.62 -25.75 -16.27
C LEU A 198 21.38 -24.68 -17.33
N GLN A 199 22.01 -23.52 -17.18
CA GLN A 199 21.90 -22.45 -18.18
CA GLN A 199 21.85 -22.48 -18.20
C GLN A 199 22.54 -22.88 -19.49
N ARG A 200 23.69 -23.56 -19.42
CA ARG A 200 24.32 -24.07 -20.64
C ARG A 200 23.42 -25.09 -21.34
N ARG A 201 22.66 -25.87 -20.58
CA ARG A 201 21.84 -26.92 -21.18
CA ARG A 201 21.84 -26.94 -21.16
C ARG A 201 20.50 -26.41 -21.66
N TYR A 202 19.79 -25.62 -20.84
CA TYR A 202 18.44 -25.20 -21.15
C TYR A 202 18.29 -23.72 -21.47
N GLY A 203 19.34 -22.91 -21.28
CA GLY A 203 19.24 -21.49 -21.56
C GLY A 203 18.71 -20.68 -20.39
N GLY A 204 18.28 -19.47 -20.69
CA GLY A 204 17.78 -18.54 -19.70
C GLY A 204 18.88 -17.94 -18.84
N GLY A 205 18.44 -17.33 -17.75
CA GLY A 205 19.34 -16.66 -16.82
C GLY A 205 18.57 -16.32 -15.57
N LEU A 206 19.30 -15.85 -14.57
CA LEU A 206 18.74 -15.55 -13.24
C LEU A 206 18.42 -14.07 -13.14
N VAL A 207 17.31 -13.76 -12.47
CA VAL A 207 16.95 -12.39 -12.18
C VAL A 207 16.39 -12.29 -10.77
N ARG A 208 16.74 -11.20 -10.09
CA ARG A 208 16.17 -10.87 -8.79
C ARG A 208 14.96 -9.97 -9.00
N VAL A 209 13.81 -10.37 -8.46
CA VAL A 209 12.60 -9.54 -8.55
C VAL A 209 12.56 -8.62 -7.35
N PRO A 210 12.42 -7.29 -7.55
CA PRO A 210 12.53 -6.36 -6.42
C PRO A 210 11.35 -6.41 -5.45
N LEU A 211 10.28 -7.14 -5.79
CA LEU A 211 9.20 -7.42 -4.86
C LEU A 211 9.54 -8.52 -3.87
N SER A 212 10.64 -9.25 -4.08
CA SER A 212 11.07 -10.22 -3.09
C SER A 212 11.51 -9.50 -1.82
N ARG A 213 11.23 -10.12 -0.68
CA ARG A 213 11.66 -9.57 0.59
C ARG A 213 13.17 -9.76 0.78
N ASN A 214 13.79 -8.86 1.57
CA ASN A 214 15.22 -8.97 1.84
C ASN A 214 15.58 -10.23 2.65
N SER A 215 14.60 -10.87 3.27
CA SER A 215 14.78 -12.04 4.11
C SER A 215 14.92 -13.34 3.31
N THR A 216 14.85 -13.28 1.98
CA THR A 216 15.08 -14.44 1.14
C THR A 216 16.00 -14.04 0.00
N HIS A 217 16.86 -14.96 -0.44
CA HIS A 217 17.74 -14.72 -1.56
C HIS A 217 17.16 -15.27 -2.87
N GLU A 218 15.86 -15.57 -2.89
CA GLU A 218 15.25 -16.21 -4.06
C GLU A 218 15.53 -15.39 -5.32
N MET A 219 15.83 -16.10 -6.40
CA MET A 219 15.93 -15.53 -7.72
C MET A 219 15.13 -16.42 -8.65
N TYR A 220 14.82 -15.92 -9.83
CA TYR A 220 14.00 -16.65 -10.79
C TYR A 220 14.84 -16.94 -12.02
N TRP A 221 14.86 -18.20 -12.40
CA TRP A 221 15.51 -18.65 -13.63
C TRP A 221 14.47 -18.54 -14.74
N VAL A 222 14.68 -17.63 -15.69
CA VAL A 222 13.67 -17.27 -16.68
C VAL A 222 14.26 -17.38 -18.08
N SER A 223 13.42 -17.79 -19.03
CA SER A 223 13.91 -18.11 -20.37
C SER A 223 14.41 -16.87 -21.12
N GLY A 224 13.88 -15.70 -20.80
CA GLY A 224 14.27 -14.51 -21.55
C GLY A 224 15.49 -13.77 -21.03
N ALA A 225 16.06 -14.19 -19.91
CA ALA A 225 17.26 -13.57 -19.39
C ALA A 225 18.48 -14.20 -20.01
N LYS A 226 19.56 -13.43 -20.04
CA LYS A 226 20.86 -13.93 -20.47
C LYS A 226 21.87 -13.16 -19.65
N SER A 227 22.53 -13.83 -18.71
CA SER A 227 23.43 -13.13 -17.82
C SER A 227 24.39 -14.13 -17.19
N ASN A 228 25.52 -13.59 -16.75
CA ASN A 228 26.48 -14.38 -16.00
C ASN A 228 25.89 -14.78 -14.66
N THR A 229 25.89 -16.09 -14.38
CA THR A 229 25.36 -16.60 -13.12
C THR A 229 26.05 -15.95 -11.92
N ILE A 230 27.38 -15.98 -11.90
CA ILE A 230 28.10 -15.51 -10.72
C ILE A 230 27.89 -14.01 -10.52
N LYS A 231 27.89 -13.24 -11.61
CA LYS A 231 27.70 -11.80 -11.48
C LYS A 231 26.29 -11.46 -10.99
N SER A 232 25.28 -12.10 -11.58
CA SER A 232 23.89 -11.79 -11.20
CA SER A 232 23.89 -11.79 -11.20
C SER A 232 23.64 -12.18 -9.75
N VAL A 233 24.11 -13.36 -9.33
CA VAL A 233 23.92 -13.77 -7.95
C VAL A 233 24.71 -12.87 -6.99
N SER A 234 25.96 -12.56 -7.34
CA SER A 234 26.78 -11.74 -6.45
C SER A 234 26.23 -10.33 -6.31
N THR A 235 25.71 -9.76 -7.41
CA THR A 235 25.11 -8.44 -7.32
C THR A 235 23.93 -8.43 -6.37
N THR A 236 23.09 -9.48 -6.41
CA THR A 236 21.99 -9.60 -5.47
C THR A 236 22.48 -9.75 -4.04
N SER A 237 23.49 -10.61 -3.83
CA SER A 237 24.06 -10.78 -2.49
C SER A 237 24.54 -9.45 -1.93
N GLN A 238 25.27 -8.68 -2.73
CA GLN A 238 25.80 -7.41 -2.24
C GLN A 238 24.67 -6.43 -1.96
N LEU A 239 23.62 -6.44 -2.80
CA LEU A 239 22.47 -5.58 -2.55
C LEU A 239 21.83 -5.91 -1.20
N LEU A 240 21.62 -7.19 -0.92
CA LEU A 240 20.98 -7.60 0.34
C LEU A 240 21.89 -7.31 1.53
N LEU A 241 23.20 -7.50 1.36
CA LEU A 241 24.14 -7.18 2.42
C LEU A 241 24.13 -5.68 2.73
N GLY A 242 24.19 -4.86 1.68
CA GLY A 242 24.21 -3.42 1.88
C GLY A 242 22.98 -2.90 2.60
N ARG A 243 21.82 -3.51 2.34
CA ARG A 243 20.61 -3.10 3.04
C ARG A 243 20.59 -3.49 4.51
N MET A 244 21.57 -4.25 4.98
CA MET A 244 21.65 -4.58 6.40
C MET A 244 22.27 -3.44 7.22
N ASP A 245 22.95 -2.51 6.57
CA ASP A 245 23.58 -1.39 7.23
C ASP A 245 22.80 -0.11 6.96
N GLY A 246 22.95 0.85 7.87
CA GLY A 246 22.31 2.13 7.71
C GLY A 246 20.86 2.12 8.14
N PRO A 247 20.17 3.23 7.94
CA PRO A 247 18.77 3.31 8.36
C PRO A 247 17.86 2.52 7.45
N ARG A 248 16.75 2.06 8.03
CA ARG A 248 15.70 1.41 7.26
C ARG A 248 15.23 2.35 6.16
N ARG A 249 15.09 1.80 4.94
CA ARG A 249 14.68 2.61 3.79
C ARG A 249 13.21 2.37 3.48
N PRO A 250 12.52 3.38 2.96
CA PRO A 250 11.08 3.24 2.72
C PRO A 250 10.76 2.22 1.64
N VAL A 251 9.63 1.54 1.83
CA VAL A 251 9.03 0.68 0.80
C VAL A 251 8.50 1.54 -0.35
N LYS A 252 8.72 1.07 -1.59
CA LYS A 252 8.17 1.68 -2.80
C LYS A 252 6.99 0.85 -3.30
N TYR A 253 5.99 1.52 -3.86
N TYR A 253 5.98 1.52 -3.86
CA TYR A 253 4.72 0.88 -4.15
CA TYR A 253 4.74 0.82 -4.20
C TYR A 253 4.37 0.96 -5.63
C TYR A 253 4.47 0.87 -5.70
N GLU A 254 4.00 -0.18 -6.19
N GLU A 254 4.00 -0.27 -6.22
CA GLU A 254 3.10 -0.26 -7.32
CA GLU A 254 3.47 -0.35 -7.58
C GLU A 254 1.67 -0.38 -6.77
C GLU A 254 1.94 -0.17 -7.54
N GLU A 255 0.69 -0.11 -7.63
N GLU A 255 1.34 -0.14 -8.73
CA GLU A 255 -0.66 -0.55 -7.31
CA GLU A 255 -0.01 0.38 -8.92
C GLU A 255 -0.71 -2.04 -7.58
C GLU A 255 -1.04 -0.39 -8.10
N ASP A 256 -1.46 -2.77 -6.75
N ASP A 256 -1.14 -1.70 -8.32
CA ASP A 256 -1.69 -4.20 -6.97
CA ASP A 256 -2.16 -2.65 -7.87
C ASP A 256 -2.25 -4.41 -8.37
C ASP A 256 -2.41 -3.58 -9.06
N VAL A 257 -1.89 -5.54 -8.97
N VAL A 257 -2.37 -4.89 -8.86
CA VAL A 257 -2.39 -5.90 -10.29
CA VAL A 257 -2.62 -5.81 -9.96
C VAL A 257 -3.91 -5.98 -10.27
C VAL A 257 -4.11 -5.82 -10.29
N ASN A 258 -4.55 -5.42 -11.29
N ASN A 258 -4.45 -5.46 -11.52
CA ASN A 258 -5.96 -5.71 -11.53
CA ASN A 258 -5.84 -5.50 -11.98
C ASN A 258 -6.08 -6.46 -12.85
C ASN A 258 -5.92 -6.57 -13.06
N LEU A 259 -6.57 -7.69 -12.74
CA LEU A 259 -6.71 -8.71 -13.76
C LEU A 259 -8.07 -8.69 -14.42
N GLY A 260 -8.88 -7.65 -14.18
CA GLY A 260 -10.15 -7.55 -14.87
C GLY A 260 -11.13 -8.67 -14.54
N SER A 261 -12.07 -8.87 -15.46
CA SER A 261 -13.05 -9.93 -15.31
C SER A 261 -13.46 -10.39 -16.70
N GLY A 262 -14.22 -11.47 -16.73
CA GLY A 262 -14.77 -11.94 -17.99
C GLY A 262 -14.06 -13.19 -18.49
N THR A 263 -14.74 -13.88 -19.41
CA THR A 263 -14.20 -15.09 -20.00
C THR A 263 -13.46 -14.81 -21.31
N ARG A 264 -12.72 -15.82 -21.77
CA ARG A 264 -12.00 -15.79 -23.04
C ARG A 264 -12.52 -16.89 -23.96
N ALA A 265 -12.54 -16.59 -25.26
CA ALA A 265 -12.92 -17.57 -26.26
C ALA A 265 -11.74 -18.47 -26.60
N VAL A 266 -11.97 -19.78 -26.57
CA VAL A 266 -10.98 -20.73 -27.05
C VAL A 266 -11.70 -21.80 -27.84
N GLY B 5 -26.48 27.63 -6.91
CA GLY B 5 -25.95 27.81 -8.24
C GLY B 5 -26.93 27.53 -9.37
N GLU B 6 -27.13 26.26 -9.73
CA GLU B 6 -26.49 25.09 -9.09
C GLU B 6 -24.99 25.02 -9.32
N THR B 7 -24.23 24.87 -8.24
CA THR B 7 -22.78 24.85 -8.33
C THR B 7 -22.30 23.49 -8.83
N LEU B 8 -21.05 23.48 -9.32
CA LEU B 8 -20.42 22.23 -9.74
C LEU B 8 -20.39 21.22 -8.61
N GLY B 9 -20.12 21.68 -7.39
CA GLY B 9 -20.12 20.77 -6.25
C GLY B 9 -21.48 20.18 -5.96
N GLU B 10 -22.55 20.97 -6.13
CA GLU B 10 -23.89 20.43 -5.95
C GLU B 10 -24.22 19.40 -7.03
N LYS B 11 -23.76 19.64 -8.27
CA LYS B 11 -23.90 18.63 -9.33
C LYS B 11 -23.15 17.36 -8.98
N TRP B 12 -21.93 17.50 -8.46
CA TRP B 12 -21.15 16.34 -8.02
C TRP B 12 -21.90 15.54 -6.96
N LYS B 13 -22.42 16.22 -5.94
CA LYS B 13 -23.11 15.51 -4.87
C LYS B 13 -24.36 14.81 -5.40
N ALA B 14 -25.08 15.45 -6.31
CA ALA B 14 -26.24 14.81 -6.90
C ALA B 14 -25.84 13.54 -7.67
N ARG B 15 -24.78 13.63 -8.48
CA ARG B 15 -24.32 12.45 -9.22
C ARG B 15 -23.81 11.37 -8.28
N LEU B 16 -23.19 11.77 -7.18
CA LEU B 16 -22.70 10.78 -6.21
C LEU B 16 -23.85 9.99 -5.61
N ASN B 17 -24.94 10.66 -5.26
CA ASN B 17 -26.09 10.01 -4.66
C ASN B 17 -26.82 9.09 -5.63
N GLN B 18 -26.60 9.25 -6.94
CA GLN B 18 -27.21 8.42 -7.96
C GLN B 18 -26.39 7.18 -8.29
N MET B 19 -25.20 7.03 -7.71
CA MET B 19 -24.35 5.88 -8.01
C MET B 19 -24.88 4.62 -7.33
N SER B 20 -24.77 3.50 -8.02
CA SER B 20 -25.01 2.20 -7.41
C SER B 20 -23.90 1.89 -6.40
N ALA B 21 -24.12 0.85 -5.60
CA ALA B 21 -23.09 0.40 -4.67
C ALA B 21 -21.78 0.11 -5.42
N LEU B 22 -21.88 -0.46 -6.62
CA LEU B 22 -20.68 -0.84 -7.37
C LEU B 22 -19.97 0.37 -7.95
N GLU B 23 -20.72 1.31 -8.52
CA GLU B 23 -20.12 2.52 -9.06
C GLU B 23 -19.44 3.33 -7.96
N PHE B 24 -20.07 3.40 -6.79
CA PHE B 24 -19.48 4.12 -5.67
C PHE B 24 -18.19 3.46 -5.21
N TYR B 25 -18.16 2.13 -5.18
CA TYR B 25 -16.95 1.40 -4.77
C TYR B 25 -15.78 1.74 -5.68
N SER B 26 -15.99 1.72 -7.00
CA SER B 26 -14.88 1.97 -7.90
C SER B 26 -14.51 3.44 -7.96
N TYR B 27 -15.46 4.34 -7.72
CA TYR B 27 -15.20 5.77 -7.79
C TYR B 27 -14.43 6.29 -6.58
N LYS B 28 -14.73 5.78 -5.39
CA LYS B 28 -14.27 6.38 -4.13
C LYS B 28 -12.76 6.63 -4.11
N LYS B 29 -11.96 5.70 -4.65
CA LYS B 29 -10.51 5.83 -4.61
C LYS B 29 -9.87 5.99 -5.99
N SER B 30 -10.69 6.17 -7.04
CA SER B 30 -10.11 6.31 -8.37
C SER B 30 -9.16 7.48 -8.45
N GLY B 31 -7.88 7.19 -8.72
CA GLY B 31 -6.88 8.21 -8.93
C GLY B 31 -6.38 8.93 -7.70
N ILE B 32 -6.83 8.54 -6.50
CA ILE B 32 -6.43 9.28 -5.32
C ILE B 32 -5.04 8.85 -4.86
N THR B 33 -4.48 9.58 -3.91
CA THR B 33 -3.24 9.20 -3.24
C THR B 33 -3.61 8.53 -1.93
N GLU B 34 -2.86 7.49 -1.56
CA GLU B 34 -3.20 6.73 -0.37
C GLU B 34 -1.92 6.25 0.26
N VAL B 35 -1.94 6.07 1.58
CA VAL B 35 -0.85 5.37 2.24
C VAL B 35 -1.30 3.94 2.48
N CYS B 36 -0.37 3.00 2.36
N CYS B 36 -0.37 2.99 2.34
CA CYS B 36 -0.69 1.61 2.66
CA CYS B 36 -0.64 1.60 2.69
C CYS B 36 -0.56 1.39 4.17
C CYS B 36 -0.58 1.46 4.19
N ARG B 37 -1.67 1.04 4.80
CA ARG B 37 -1.76 0.93 6.26
C ARG B 37 -1.62 -0.50 6.76
N GLU B 38 -1.26 -1.45 5.90
CA GLU B 38 -1.25 -2.85 6.32
C GLU B 38 -0.30 -3.07 7.50
N GLU B 39 0.92 -2.53 7.43
CA GLU B 39 1.89 -2.77 8.49
C GLU B 39 1.46 -2.11 9.79
N ALA B 40 1.01 -0.85 9.72
CA ALA B 40 0.59 -0.16 10.93
C ALA B 40 -0.62 -0.84 11.57
N ARG B 41 -1.57 -1.29 10.76
CA ARG B 41 -2.75 -1.94 11.32
C ARG B 41 -2.38 -3.20 12.09
N ARG B 42 -1.48 -4.01 11.52
CA ARG B 42 -1.06 -5.24 12.20
C ARG B 42 -0.32 -4.94 13.48
N ALA B 43 0.63 -3.97 13.43
CA ALA B 43 1.43 -3.67 14.61
C ALA B 43 0.58 -3.12 15.74
N LEU B 44 -0.37 -2.22 15.42
CA LEU B 44 -1.21 -1.68 16.48
C LEU B 44 -2.18 -2.73 17.01
N LYS B 45 -2.63 -3.64 16.15
CA LYS B 45 -3.42 -4.78 16.60
C LYS B 45 -2.65 -5.59 17.63
N ASP B 46 -1.35 -5.79 17.41
CA ASP B 46 -0.51 -6.58 18.30
C ASP B 46 -0.02 -5.79 19.51
N GLY B 47 -0.43 -4.54 19.67
CA GLY B 47 -0.03 -3.76 20.83
C GLY B 47 1.36 -3.14 20.76
N VAL B 48 1.95 -3.06 19.57
CA VAL B 48 3.26 -2.45 19.40
C VAL B 48 3.10 -0.93 19.49
N ALA B 49 3.66 -0.33 20.54
CA ALA B 49 3.55 1.10 20.76
C ALA B 49 4.82 1.86 20.38
N THR B 50 5.89 1.15 20.02
CA THR B 50 7.21 1.75 19.85
C THR B 50 7.75 1.64 18.44
N GLY B 51 6.93 1.26 17.47
CA GLY B 51 7.41 1.05 16.12
C GLY B 51 7.33 2.22 15.19
N GLY B 52 6.85 3.38 15.65
CA GLY B 52 6.73 4.57 14.83
C GLY B 52 5.48 4.65 13.99
N HIS B 53 4.60 3.66 14.09
CA HIS B 53 3.40 3.63 13.26
C HIS B 53 2.46 4.76 13.61
N ALA B 54 1.85 5.35 12.58
CA ALA B 54 0.79 6.31 12.78
C ALA B 54 -0.47 5.58 13.22
N VAL B 55 -1.25 6.22 14.11
CA VAL B 55 -2.45 5.56 14.64
C VAL B 55 -3.63 5.62 13.68
N SER B 56 -3.57 6.46 12.65
CA SER B 56 -4.64 6.59 11.69
C SER B 56 -4.07 7.14 10.40
N ARG B 57 -4.91 7.16 9.35
CA ARG B 57 -4.55 7.83 8.08
C ARG B 57 -4.43 9.34 8.24
N GLY B 58 -4.88 9.89 9.36
CA GLY B 58 -4.84 11.32 9.54
C GLY B 58 -3.43 11.89 9.55
N SER B 59 -2.46 11.13 10.06
CA SER B 59 -1.10 11.65 10.11
C SER B 59 -0.59 11.97 8.71
N ALA B 60 -0.87 11.09 7.74
CA ALA B 60 -0.41 11.36 6.38
C ALA B 60 -1.10 12.56 5.77
N LYS B 61 -2.37 12.78 6.10
CA LYS B 61 -3.05 13.95 5.56
CA LYS B 61 -3.06 13.95 5.57
C LYS B 61 -2.44 15.25 6.10
N LEU B 62 -2.16 15.29 7.40
CA LEU B 62 -1.53 16.49 7.95
C LEU B 62 -0.11 16.63 7.42
N ARG B 63 0.62 15.51 7.27
CA ARG B 63 1.96 15.57 6.71
C ARG B 63 1.95 16.23 5.33
N TRP B 64 0.95 15.89 4.52
CA TRP B 64 0.91 16.46 3.18
C TRP B 64 0.88 17.98 3.22
N LEU B 65 0.08 18.55 4.12
CA LEU B 65 -0.01 20.00 4.22
C LEU B 65 1.26 20.60 4.81
N VAL B 66 1.80 19.98 5.86
CA VAL B 66 2.94 20.54 6.56
C VAL B 66 4.18 20.53 5.70
N GLU B 67 4.40 19.43 4.95
CA GLU B 67 5.61 19.31 4.14
C GLU B 67 5.62 20.31 2.99
N ARG B 68 4.45 20.82 2.59
CA ARG B 68 4.37 21.84 1.55
C ARG B 68 4.32 23.25 2.13
N GLY B 69 4.39 23.39 3.45
CA GLY B 69 4.38 24.71 4.06
C GLY B 69 3.01 25.35 4.15
N TYR B 70 1.96 24.63 3.79
CA TYR B 70 0.62 25.18 3.88
C TYR B 70 0.16 25.32 5.32
N LEU B 71 0.82 24.61 6.23
CA LEU B 71 0.62 24.68 7.66
C LEU B 71 1.99 24.57 8.30
N GLN B 72 2.30 25.47 9.24
CA GLN B 72 3.60 25.46 9.92
C GLN B 72 3.36 25.47 11.43
N PRO B 73 3.10 24.30 12.01
CA PRO B 73 2.73 24.25 13.44
C PRO B 73 3.89 24.66 14.34
N TYR B 74 3.52 25.24 15.48
CA TYR B 74 4.50 25.67 16.47
C TYR B 74 3.80 25.84 17.82
N GLY B 75 4.62 25.85 18.88
CA GLY B 75 4.10 26.21 20.19
C GLY B 75 3.10 25.22 20.75
N LYS B 76 2.05 25.77 21.34
CA LYS B 76 0.96 24.98 21.93
C LYS B 76 -0.07 24.66 20.85
N VAL B 77 -0.27 23.37 20.61
CA VAL B 77 -1.20 22.86 19.60
C VAL B 77 -2.44 22.34 20.30
N ILE B 78 -3.61 22.76 19.83
CA ILE B 78 -4.89 22.21 20.27
C ILE B 78 -5.50 21.48 19.08
N ASP B 79 -5.92 20.23 19.31
CA ASP B 79 -6.43 19.33 18.27
C ASP B 79 -7.86 18.96 18.65
N LEU B 80 -8.82 19.65 18.04
CA LEU B 80 -10.24 19.44 18.34
C LEU B 80 -10.80 18.30 17.49
N GLY B 81 -11.40 17.32 18.16
CA GLY B 81 -11.85 16.12 17.49
C GLY B 81 -10.67 15.24 17.12
N CYS B 82 -9.86 14.85 18.10
CA CYS B 82 -8.59 14.20 17.79
C CYS B 82 -8.74 12.73 17.42
N GLY B 83 -9.88 12.10 17.75
CA GLY B 83 -10.02 10.68 17.48
C GLY B 83 -8.91 9.87 18.12
N ARG B 84 -8.35 8.93 17.34
CA ARG B 84 -7.25 8.12 17.84
CA ARG B 84 -7.24 8.12 17.82
C ARG B 84 -6.01 8.94 18.10
N GLY B 85 -5.87 10.11 17.44
CA GLY B 85 -4.72 10.98 17.68
C GLY B 85 -3.77 11.23 16.51
N GLY B 86 -4.15 10.85 15.28
CA GLY B 86 -3.20 10.94 14.17
C GLY B 86 -2.61 12.32 13.94
N TRP B 87 -3.42 13.36 14.08
CA TRP B 87 -2.87 14.70 13.89
C TRP B 87 -2.02 15.10 15.10
N SER B 88 -2.46 14.71 16.30
CA SER B 88 -1.74 15.10 17.52
C SER B 88 -0.35 14.48 17.55
N TYR B 89 -0.24 13.18 17.22
CA TYR B 89 1.07 12.55 17.25
C TYR B 89 1.97 13.07 16.13
N TYR B 90 1.40 13.38 14.96
CA TYR B 90 2.24 13.98 13.93
C TYR B 90 2.77 15.34 14.38
N ALA B 91 1.88 16.18 14.94
CA ALA B 91 2.32 17.50 15.37
C ALA B 91 3.41 17.42 16.42
N ALA B 92 3.38 16.39 17.28
CA ALA B 92 4.38 16.27 18.34
C ALA B 92 5.77 16.00 17.80
N THR B 93 5.90 15.56 16.55
CA THR B 93 7.22 15.33 15.96
C THR B 93 7.83 16.60 15.40
N ILE B 94 7.08 17.69 15.32
CA ILE B 94 7.53 18.91 14.68
C ILE B 94 8.35 19.73 15.68
N ARG B 95 9.55 20.15 15.27
CA ARG B 95 10.50 20.71 16.24
C ARG B 95 9.96 21.95 16.95
N LYS B 96 9.29 22.85 16.23
CA LYS B 96 8.79 24.08 16.83
C LYS B 96 7.59 23.83 17.74
N VAL B 97 6.94 22.67 17.65
CA VAL B 97 5.81 22.35 18.51
C VAL B 97 6.33 21.99 19.90
N GLN B 98 5.69 22.53 20.94
CA GLN B 98 6.14 22.27 22.30
C GLN B 98 5.13 21.54 23.18
N GLU B 99 3.86 21.53 22.79
CA GLU B 99 2.81 20.97 23.63
C GLU B 99 1.64 20.62 22.70
N VAL B 100 1.02 19.47 22.91
CA VAL B 100 -0.14 19.05 22.09
C VAL B 100 -1.25 18.60 23.02
N LYS B 101 -2.41 19.24 22.94
CA LYS B 101 -3.61 18.84 23.68
C LYS B 101 -4.69 18.48 22.68
N GLY B 102 -5.12 17.22 22.69
CA GLY B 102 -6.19 16.76 21.83
C GLY B 102 -7.43 16.41 22.64
N TYR B 103 -8.60 16.64 22.05
CA TYR B 103 -9.88 16.40 22.70
C TYR B 103 -10.79 15.65 21.75
N THR B 104 -11.48 14.63 22.26
CA THR B 104 -12.39 13.89 21.40
C THR B 104 -13.52 13.33 22.24
N LYS B 105 -14.63 13.00 21.57
CA LYS B 105 -15.85 12.60 22.29
C LYS B 105 -15.74 11.18 22.83
N GLY B 106 -15.25 10.25 22.02
CA GLY B 106 -15.16 8.87 22.42
C GLY B 106 -16.55 8.29 22.68
N GLY B 107 -16.56 7.17 23.39
CA GLY B 107 -17.78 6.49 23.74
C GLY B 107 -18.15 5.46 22.69
N PRO B 108 -19.19 4.68 22.94
CA PRO B 108 -19.55 3.61 22.02
C PRO B 108 -19.76 4.15 20.60
N GLY B 109 -19.17 3.47 19.63
CA GLY B 109 -19.30 3.86 18.25
C GLY B 109 -18.37 4.97 17.79
N HIS B 110 -17.49 5.46 18.66
CA HIS B 110 -16.60 6.56 18.32
C HIS B 110 -15.16 6.19 18.66
N GLU B 111 -14.23 6.76 17.91
CA GLU B 111 -12.81 6.48 18.13
C GLU B 111 -12.35 7.01 19.48
N GLU B 112 -11.62 6.20 20.20
CA GLU B 112 -10.94 6.60 21.43
C GLU B 112 -9.50 6.95 21.15
N PRO B 113 -8.90 7.84 21.93
CA PRO B 113 -7.46 8.09 21.81
C PRO B 113 -6.68 6.80 21.93
N MET B 114 -5.66 6.65 21.07
CA MET B 114 -4.74 5.53 21.12
C MET B 114 -3.46 6.00 21.79
N LEU B 115 -3.00 5.25 22.79
CA LEU B 115 -1.78 5.59 23.50
C LEU B 115 -0.61 4.86 22.87
N VAL B 116 0.27 5.59 22.18
CA VAL B 116 1.48 5.04 21.59
C VAL B 116 2.65 5.92 21.98
N GLN B 117 3.85 5.38 21.77
CA GLN B 117 5.07 6.07 22.14
C GLN B 117 5.85 6.46 20.89
N SER B 118 5.16 7.04 19.91
CA SER B 118 5.88 7.66 18.81
C SER B 118 6.63 8.90 19.31
N TYR B 119 7.54 9.41 18.49
CA TYR B 119 8.46 10.47 18.91
C TYR B 119 7.70 11.69 19.43
N GLY B 120 8.07 12.14 20.64
CA GLY B 120 7.38 13.26 21.25
C GLY B 120 6.13 12.93 22.02
N TRP B 121 5.85 11.65 22.26
CA TRP B 121 4.63 11.27 22.96
C TRP B 121 4.53 11.95 24.32
N ASN B 122 5.66 12.28 24.95
CA ASN B 122 5.59 12.88 26.28
C ASN B 122 5.07 14.30 26.29
N ILE B 123 4.93 14.97 25.15
CA ILE B 123 4.32 16.30 25.11
C ILE B 123 2.88 16.26 24.64
N VAL B 124 2.31 15.07 24.47
CA VAL B 124 0.94 14.91 23.99
C VAL B 124 0.04 14.53 25.14
N ARG B 125 -1.09 15.21 25.27
CA ARG B 125 -2.17 14.81 26.18
C ARG B 125 -3.45 14.68 25.36
N LEU B 126 -4.01 13.48 25.29
CA LEU B 126 -5.28 13.25 24.62
C LEU B 126 -6.37 12.99 25.64
N LYS B 127 -7.51 13.66 25.49
CA LYS B 127 -8.61 13.58 26.45
C LYS B 127 -9.87 13.13 25.73
N SER B 128 -10.45 12.02 26.18
CA SER B 128 -11.72 11.54 25.69
C SER B 128 -12.86 12.03 26.56
N GLY B 129 -14.09 11.76 26.12
CA GLY B 129 -15.27 12.19 26.85
C GLY B 129 -15.55 13.67 26.80
N VAL B 130 -15.02 14.37 25.80
CA VAL B 130 -15.15 15.82 25.67
C VAL B 130 -15.94 16.13 24.42
N ASP B 131 -17.01 16.91 24.58
CA ASP B 131 -17.74 17.48 23.45
C ASP B 131 -17.18 18.88 23.22
N VAL B 132 -16.46 19.08 22.11
CA VAL B 132 -15.77 20.35 21.92
C VAL B 132 -16.74 21.51 21.72
N PHE B 133 -17.99 21.23 21.35
CA PHE B 133 -18.97 22.31 21.22
C PHE B 133 -19.42 22.84 22.56
N HIS B 134 -19.13 22.16 23.65
CA HIS B 134 -19.43 22.66 24.98
C HIS B 134 -18.17 22.99 25.77
N MET B 135 -17.08 23.25 25.06
CA MET B 135 -15.77 23.52 25.63
C MET B 135 -15.45 25.00 25.49
N ALA B 136 -15.03 25.64 26.56
CA ALA B 136 -14.61 27.03 26.47
C ALA B 136 -13.31 27.12 25.67
N ALA B 137 -13.26 28.05 24.73
CA ALA B 137 -12.04 28.27 23.96
C ALA B 137 -10.94 28.80 24.87
N GLU B 138 -9.71 28.44 24.53
CA GLU B 138 -8.53 28.92 25.25
C GLU B 138 -7.48 29.32 24.23
N PRO B 139 -6.53 30.16 24.62
CA PRO B 139 -5.47 30.53 23.67
C PRO B 139 -4.60 29.33 23.30
N CYS B 140 -4.16 29.35 22.05
CA CYS B 140 -3.16 28.40 21.59
C CYS B 140 -2.39 29.04 20.46
N ASP B 141 -1.29 28.41 20.07
CA ASP B 141 -0.51 28.91 18.95
C ASP B 141 -0.94 28.27 17.63
N THR B 142 -1.32 26.99 17.67
CA THR B 142 -1.74 26.24 16.48
C THR B 142 -3.07 25.58 16.80
N LEU B 143 -4.10 25.88 16.00
CA LEU B 143 -5.44 25.35 16.20
C LEU B 143 -5.72 24.35 15.09
N LEU B 144 -5.97 23.09 15.45
CA LEU B 144 -6.36 22.06 14.50
C LEU B 144 -7.79 21.61 14.78
N CYS B 145 -8.53 21.32 13.72
CA CYS B 145 -9.87 20.75 13.90
C CYS B 145 -10.17 19.89 12.68
N ASP B 146 -10.54 18.63 12.91
CA ASP B 146 -10.81 17.68 11.85
C ASP B 146 -12.23 17.10 11.95
N ILE B 147 -13.17 17.88 12.44
CA ILE B 147 -14.54 17.42 12.66
C ILE B 147 -15.40 17.65 11.44
N GLY B 148 -16.20 16.64 11.10
CA GLY B 148 -17.21 16.82 10.07
C GLY B 148 -17.61 15.48 9.51
N GLU B 149 -18.85 15.06 9.81
CA GLU B 149 -19.33 13.74 9.41
C GLU B 149 -20.12 13.85 8.11
N SER B 150 -19.75 13.04 7.13
CA SER B 150 -20.41 13.04 5.83
C SER B 150 -21.89 12.68 5.95
N SER B 151 -22.68 13.20 5.01
CA SER B 151 -24.09 12.88 4.92
C SER B 151 -24.46 12.86 3.45
N SER B 152 -25.42 12.00 3.10
CA SER B 152 -25.98 12.05 1.76
C SER B 152 -26.71 13.35 1.48
N SER B 153 -27.13 14.07 2.52
CA SER B 153 -27.86 15.31 2.34
C SER B 153 -26.88 16.48 2.31
N PRO B 154 -26.81 17.25 1.22
CA PRO B 154 -25.97 18.46 1.25
C PRO B 154 -26.45 19.50 2.27
N GLU B 155 -27.75 19.53 2.58
CA GLU B 155 -28.24 20.45 3.61
C GLU B 155 -27.69 20.08 4.98
N VAL B 156 -27.61 18.78 5.28
CA VAL B 156 -27.04 18.32 6.53
C VAL B 156 -25.54 18.61 6.57
N GLU B 157 -24.84 18.38 5.46
CA GLU B 157 -23.41 18.69 5.42
C GLU B 157 -23.16 20.17 5.65
N GLU B 158 -24.00 21.04 5.04
CA GLU B 158 -23.84 22.47 5.27
C GLU B 158 -24.12 22.82 6.73
N ALA B 159 -25.20 22.28 7.31
CA ALA B 159 -25.51 22.56 8.70
C ALA B 159 -24.39 22.13 9.63
N ARG B 160 -23.80 20.96 9.36
CA ARG B 160 -22.70 20.47 10.19
C ARG B 160 -21.46 21.31 10.02
N THR B 161 -21.18 21.73 8.78
CA THR B 161 -20.01 22.57 8.54
C THR B 161 -20.17 23.93 9.21
N LEU B 162 -21.35 24.54 9.10
CA LEU B 162 -21.55 25.82 9.79
C LEU B 162 -21.37 25.68 11.30
N ARG B 163 -21.83 24.56 11.88
CA ARG B 163 -21.64 24.36 13.31
C ARG B 163 -20.15 24.29 13.66
N VAL B 164 -19.37 23.55 12.88
CA VAL B 164 -17.93 23.49 13.13
C VAL B 164 -17.30 24.86 13.02
N LEU B 165 -17.62 25.59 11.95
CA LEU B 165 -16.99 26.89 11.72
C LEU B 165 -17.40 27.91 12.77
N SER B 166 -18.64 27.85 13.28
CA SER B 166 -19.02 28.77 14.34
C SER B 166 -18.22 28.51 15.61
N MET B 167 -18.03 27.24 15.94
CA MET B 167 -17.26 26.85 17.11
C MET B 167 -15.79 27.23 16.94
N VAL B 168 -15.22 26.92 15.78
CA VAL B 168 -13.83 27.28 15.51
C VAL B 168 -13.60 28.78 15.61
N GLY B 169 -14.58 29.59 15.23
CA GLY B 169 -14.43 31.04 15.30
C GLY B 169 -14.11 31.53 16.69
N ASP B 170 -14.69 30.90 17.72
CA ASP B 170 -14.39 31.32 19.10
C ASP B 170 -12.93 31.05 19.45
N TRP B 171 -12.37 29.97 18.93
CA TRP B 171 -10.96 29.67 19.15
C TRP B 171 -10.07 30.61 18.35
N LEU B 172 -10.46 30.93 17.12
CA LEU B 172 -9.65 31.81 16.28
C LEU B 172 -9.60 33.22 16.85
N GLU B 173 -10.63 33.61 17.61
CA GLU B 173 -10.63 34.93 18.22
C GLU B 173 -9.46 35.09 19.20
N LYS B 174 -8.97 33.99 19.78
CA LYS B 174 -7.76 33.99 20.59
C LYS B 174 -6.48 34.20 19.77
N ARG B 175 -6.58 34.29 18.45
CA ARG B 175 -5.49 34.60 17.53
C ARG B 175 -4.35 33.59 17.54
N PRO B 176 -4.61 32.31 17.26
CA PRO B 176 -3.50 31.40 16.97
C PRO B 176 -2.79 31.86 15.70
N GLY B 177 -1.49 31.59 15.63
CA GLY B 177 -0.74 31.94 14.44
C GLY B 177 -0.85 30.94 13.31
N ALA B 178 -1.22 29.71 13.62
CA ALA B 178 -1.34 28.64 12.64
C ALA B 178 -2.67 27.93 12.85
N PHE B 179 -3.31 27.48 11.77
CA PHE B 179 -4.54 26.72 11.93
C PHE B 179 -4.78 25.82 10.72
N CYS B 180 -5.51 24.75 10.97
CA CYS B 180 -5.92 23.80 9.94
C CYS B 180 -7.27 23.25 10.36
N ILE B 181 -8.30 23.59 9.58
CA ILE B 181 -9.70 23.35 9.91
CA ILE B 181 -9.70 23.35 9.91
C ILE B 181 -10.35 22.60 8.76
N LYS B 182 -10.91 21.44 9.05
CA LYS B 182 -11.65 20.72 8.02
C LYS B 182 -12.93 21.48 7.69
N VAL B 183 -13.20 21.62 6.39
CA VAL B 183 -14.44 22.18 5.87
C VAL B 183 -15.14 21.06 5.10
N LEU B 184 -16.10 20.39 5.75
CA LEU B 184 -16.75 19.23 5.15
C LEU B 184 -17.44 19.61 3.84
N CYS B 185 -18.20 20.70 3.87
CA CYS B 185 -19.01 21.12 2.73
C CYS B 185 -18.62 22.55 2.34
N PRO B 186 -17.74 22.72 1.37
CA PRO B 186 -17.35 24.07 0.91
C PRO B 186 -18.08 24.52 -0.34
N TYR B 187 -19.03 23.73 -0.86
CA TYR B 187 -19.40 23.78 -2.28
C TYR B 187 -20.74 24.43 -2.56
N THR B 188 -21.52 24.82 -1.56
CA THR B 188 -22.74 25.56 -1.84
C THR B 188 -22.44 27.06 -1.92
N SER B 189 -23.34 27.81 -2.58
CA SER B 189 -23.10 29.24 -2.74
C SER B 189 -23.06 29.94 -1.39
N THR B 190 -23.90 29.53 -0.45
CA THR B 190 -23.88 30.15 0.86
C THR B 190 -22.63 29.78 1.65
N MET B 191 -22.14 28.55 1.48
CA MET B 191 -20.89 28.19 2.15
C MET B 191 -19.72 28.99 1.59
N MET B 192 -19.71 29.24 0.27
CA MET B 192 -18.58 29.98 -0.28
C MET B 192 -18.58 31.43 0.20
N GLU B 193 -19.77 32.02 0.39
CA GLU B 193 -19.82 33.36 0.97
C GLU B 193 -19.37 33.34 2.42
N THR B 194 -19.84 32.36 3.20
CA THR B 194 -19.39 32.20 4.58
C THR B 194 -17.87 32.07 4.62
N LEU B 195 -17.31 31.23 3.74
CA LEU B 195 -15.86 31.00 3.77
C LEU B 195 -15.08 32.23 3.32
N GLU B 196 -15.62 33.01 2.37
CA GLU B 196 -14.95 34.25 1.98
C GLU B 196 -14.90 35.23 3.14
N ARG B 197 -16.00 35.36 3.89
CA ARG B 197 -16.01 36.26 5.04
C ARG B 197 -15.02 35.81 6.10
N LEU B 198 -14.92 34.49 6.33
CA LEU B 198 -13.98 33.98 7.32
C LEU B 198 -12.54 34.23 6.89
N GLN B 199 -12.27 34.09 5.59
CA GLN B 199 -10.92 34.38 5.07
CA GLN B 199 -10.91 34.37 5.12
C GLN B 199 -10.57 35.85 5.23
N ARG B 200 -11.55 36.73 5.05
CA ARG B 200 -11.27 38.15 5.24
C ARG B 200 -10.94 38.46 6.70
N ARG B 201 -11.61 37.78 7.64
CA ARG B 201 -11.40 38.08 9.05
C ARG B 201 -10.14 37.42 9.60
N TYR B 202 -9.89 36.16 9.23
CA TYR B 202 -8.83 35.39 9.89
C TYR B 202 -7.71 34.96 8.96
N GLY B 203 -7.83 35.18 7.65
CA GLY B 203 -6.78 34.81 6.72
C GLY B 203 -6.91 33.36 6.28
N GLY B 204 -5.83 32.87 5.72
CA GLY B 204 -5.77 31.49 5.26
C GLY B 204 -6.47 31.29 3.93
N GLY B 205 -6.56 30.03 3.53
CA GLY B 205 -7.18 29.66 2.27
C GLY B 205 -7.50 28.18 2.30
N LEU B 206 -8.30 27.75 1.32
CA LEU B 206 -8.77 26.37 1.25
C LEU B 206 -7.86 25.53 0.38
N VAL B 207 -7.55 24.32 0.83
CA VAL B 207 -6.68 23.41 0.11
C VAL B 207 -7.31 22.02 0.08
N ARG B 208 -7.32 21.40 -1.11
CA ARG B 208 -7.74 20.02 -1.27
C ARG B 208 -6.53 19.11 -1.11
N VAL B 209 -6.63 18.15 -0.21
CA VAL B 209 -5.54 17.22 0.03
C VAL B 209 -5.80 15.98 -0.82
N PRO B 210 -4.82 15.53 -1.63
CA PRO B 210 -5.10 14.44 -2.59
C PRO B 210 -5.28 13.06 -1.95
N LEU B 211 -5.01 12.95 -0.66
CA LEU B 211 -5.33 11.75 0.10
CA LEU B 211 -5.33 11.76 0.12
C LEU B 211 -6.80 11.67 0.49
N SER B 212 -7.56 12.74 0.30
CA SER B 212 -9.01 12.66 0.54
C SER B 212 -9.64 11.78 -0.52
N ARG B 213 -10.66 11.02 -0.11
CA ARG B 213 -11.38 10.16 -1.03
C ARG B 213 -12.27 10.99 -1.96
N ASN B 214 -12.54 10.47 -3.17
CA ASN B 214 -13.42 11.19 -4.08
C ASN B 214 -14.86 11.28 -3.58
N SER B 215 -15.23 10.49 -2.59
CA SER B 215 -16.58 10.47 -2.04
C SER B 215 -16.86 11.60 -1.07
N THR B 216 -15.88 12.46 -0.78
CA THR B 216 -16.12 13.62 0.06
C THR B 216 -15.51 14.83 -0.61
N HIS B 217 -16.17 15.98 -0.45
CA HIS B 217 -15.66 17.22 -0.99
C HIS B 217 -14.84 17.99 0.05
N GLU B 218 -14.44 17.34 1.14
CA GLU B 218 -13.73 18.04 2.21
C GLU B 218 -12.53 18.82 1.67
N MET B 219 -12.34 20.02 2.21
CA MET B 219 -11.16 20.82 1.96
C MET B 219 -10.70 21.34 3.32
N TYR B 220 -9.43 21.72 3.40
CA TYR B 220 -8.83 22.16 4.65
C TYR B 220 -8.52 23.64 4.56
N TRP B 221 -9.06 24.39 5.51
CA TRP B 221 -8.82 25.82 5.64
C TRP B 221 -7.55 25.96 6.48
N VAL B 222 -6.46 26.42 5.84
CA VAL B 222 -5.14 26.42 6.46
C VAL B 222 -4.55 27.82 6.40
N SER B 223 -3.74 28.13 7.41
CA SER B 223 -3.23 29.49 7.56
C SER B 223 -2.14 29.82 6.55
N GLY B 224 -1.46 28.82 6.00
CA GLY B 224 -0.33 29.05 5.12
C GLY B 224 -0.65 28.99 3.64
N ALA B 225 -1.93 29.09 3.30
CA ALA B 225 -2.37 29.26 1.93
C ALA B 225 -3.21 30.53 1.84
N LYS B 226 -3.27 31.09 0.64
CA LYS B 226 -4.11 32.25 0.38
C LYS B 226 -4.53 32.16 -1.08
N SER B 227 -5.83 32.06 -1.31
CA SER B 227 -6.30 31.83 -2.67
C SER B 227 -7.76 32.21 -2.76
N ASN B 228 -8.20 32.47 -3.98
CA ASN B 228 -9.61 32.76 -4.20
C ASN B 228 -10.46 31.55 -3.81
N THR B 229 -11.41 31.78 -2.92
CA THR B 229 -12.30 30.72 -2.44
C THR B 229 -13.05 30.06 -3.60
N ILE B 230 -13.70 30.86 -4.43
CA ILE B 230 -14.52 30.30 -5.50
C ILE B 230 -13.66 29.49 -6.47
N LYS B 231 -12.48 30.01 -6.81
CA LYS B 231 -11.63 29.30 -7.77
C LYS B 231 -11.10 27.99 -7.18
N SER B 232 -10.72 28.00 -5.90
CA SER B 232 -10.20 26.77 -5.29
CA SER B 232 -10.19 26.78 -5.28
C SER B 232 -11.28 25.73 -5.13
N VAL B 233 -12.48 26.14 -4.72
CA VAL B 233 -13.55 25.16 -4.55
C VAL B 233 -14.00 24.61 -5.90
N SER B 234 -14.16 25.48 -6.90
CA SER B 234 -14.61 25.02 -8.21
CA SER B 234 -14.61 25.02 -8.21
C SER B 234 -13.59 24.10 -8.86
N THR B 235 -12.30 24.39 -8.68
CA THR B 235 -11.27 23.50 -9.22
C THR B 235 -11.39 22.09 -8.63
N THR B 236 -11.62 22.00 -7.32
CA THR B 236 -11.84 20.69 -6.70
C THR B 236 -13.12 20.05 -7.22
N SER B 237 -14.20 20.82 -7.36
CA SER B 237 -15.45 20.26 -7.88
C SER B 237 -15.24 19.65 -9.25
N GLN B 238 -14.54 20.38 -10.12
CA GLN B 238 -14.32 19.88 -11.48
C GLN B 238 -13.43 18.65 -11.48
N LEU B 239 -12.42 18.62 -10.61
CA LEU B 239 -11.58 17.43 -10.50
C LEU B 239 -12.41 16.22 -10.11
N LEU B 240 -13.27 16.36 -9.11
CA LEU B 240 -14.09 15.23 -8.66
C LEU B 240 -15.11 14.83 -9.72
N LEU B 241 -15.69 15.81 -10.41
CA LEU B 241 -16.63 15.51 -11.49
C LEU B 241 -15.94 14.75 -12.62
N GLY B 242 -14.77 15.23 -13.05
CA GLY B 242 -14.05 14.56 -14.12
C GLY B 242 -13.75 13.10 -13.80
N ARG B 243 -13.47 12.80 -12.52
CA ARG B 243 -13.16 11.43 -12.13
C ARG B 243 -14.37 10.52 -12.11
N MET B 244 -15.58 11.06 -12.30
CA MET B 244 -16.77 10.22 -12.38
C MET B 244 -16.94 9.57 -13.74
N ASP B 245 -16.23 10.06 -14.75
CA ASP B 245 -16.29 9.54 -16.10
C ASP B 245 -14.99 8.81 -16.44
N GLY B 246 -15.06 7.99 -17.48
CA GLY B 246 -13.90 7.25 -17.93
C GLY B 246 -13.63 6.05 -17.04
N PRO B 247 -12.58 5.31 -17.35
CA PRO B 247 -12.27 4.11 -16.58
C PRO B 247 -11.69 4.48 -15.22
N ARG B 248 -11.80 3.54 -14.29
CA ARG B 248 -11.20 3.73 -12.99
C ARG B 248 -9.70 3.96 -13.14
N ARG B 249 -9.16 4.88 -12.34
CA ARG B 249 -7.75 5.21 -12.41
C ARG B 249 -7.03 4.61 -11.20
N PRO B 250 -5.78 4.17 -11.37
CA PRO B 250 -5.09 3.51 -10.25
C PRO B 250 -4.82 4.46 -9.10
N VAL B 251 -4.77 3.87 -7.91
CA VAL B 251 -4.36 4.60 -6.70
C VAL B 251 -2.85 4.80 -6.72
N LYS B 252 -2.40 5.97 -6.27
CA LYS B 252 -0.99 6.34 -6.12
C LYS B 252 -0.60 6.28 -4.64
N TYR B 253 0.64 5.88 -4.38
N TYR B 253 0.63 5.87 -4.34
CA TYR B 253 1.02 5.56 -3.00
CA TYR B 253 1.01 5.63 -2.96
C TYR B 253 2.23 6.36 -2.53
C TYR B 253 2.19 6.48 -2.53
N GLU B 254 2.08 6.92 -1.34
N GLU B 254 2.11 7.02 -1.32
CA GLU B 254 3.20 7.13 -0.44
CA GLU B 254 3.22 7.67 -0.64
C GLU B 254 3.33 5.93 0.48
C GLU B 254 3.92 6.66 0.28
N GLU B 255 4.52 5.74 1.03
N GLU B 255 5.07 7.08 0.81
CA GLU B 255 4.60 4.90 2.22
CA GLU B 255 5.99 6.17 1.49
C GLU B 255 3.97 5.68 3.36
C GLU B 255 5.32 5.34 2.59
N ASP B 256 3.37 4.96 4.32
N ASP B 256 4.95 6.02 3.67
CA ASP B 256 2.77 5.60 5.50
CA ASP B 256 4.47 5.49 4.95
C ASP B 256 3.85 6.31 6.31
C ASP B 256 4.84 6.55 5.98
N VAL B 257 3.41 7.28 7.10
N VAL B 257 3.90 6.95 6.82
CA VAL B 257 4.32 8.07 7.91
CA VAL B 257 4.24 7.89 7.90
C VAL B 257 4.93 7.19 8.98
C VAL B 257 5.11 7.15 8.91
N ASN B 258 6.25 7.28 9.16
N ASN B 258 6.33 7.63 9.10
CA ASN B 258 6.90 6.70 10.33
CA ASN B 258 7.22 7.11 10.13
C ASN B 258 7.36 7.86 11.20
C ASN B 258 7.35 8.20 11.19
N LEU B 259 6.73 7.97 12.36
CA LEU B 259 6.93 9.05 13.32
CA LEU B 259 6.85 8.99 13.38
C LEU B 259 8.01 8.72 14.34
N GLY B 260 8.74 7.64 14.15
CA GLY B 260 9.83 7.33 15.07
C GLY B 260 9.35 6.97 16.46
N SER B 261 10.27 7.02 17.42
CA SER B 261 9.89 6.71 18.79
C SER B 261 10.76 7.53 19.72
N GLY B 262 10.41 7.52 21.00
CA GLY B 262 11.20 8.15 22.01
C GLY B 262 10.60 9.46 22.49
N THR B 263 11.15 9.96 23.60
CA THR B 263 10.70 11.21 24.18
C THR B 263 11.43 12.41 23.58
N ARG B 264 10.83 13.57 23.74
CA ARG B 264 11.43 14.85 23.36
C ARG B 264 11.83 15.62 24.60
N ALA B 265 12.93 16.34 24.48
CA ALA B 265 13.36 17.28 25.50
C ALA B 265 12.64 18.61 25.29
N VAL B 266 11.92 19.05 26.31
CA VAL B 266 11.26 20.34 26.28
C VAL B 266 11.55 21.09 27.58
N6 KB1 C . 5.82 -30.83 -3.77
C6 KB1 C . 4.83 -29.88 -4.02
N1 KB1 C . 3.83 -30.18 -4.89
C2 KB1 C . 2.86 -29.23 -5.11
N3 KB1 C . 2.76 -28.01 -4.59
C4 KB1 C . 3.75 -27.73 -3.73
C5 KB1 C . 4.83 -28.61 -3.41
N7 KB1 C . 5.68 -28.00 -2.48
C8 KB1 C . 5.14 -26.79 -2.28
N9 KB1 C . 3.96 -26.59 -2.99
CBF KB1 C . 3.12 -25.42 -3.03
OAU KB1 C . 3.74 -24.43 -3.82
CBE KB1 C . 3.20 -23.16 -3.50
CAQ KB1 C . 4.31 -22.09 -3.61
NBG KB1 C . 3.82 -20.69 -3.54
CAO KB1 C . 3.28 -20.35 -4.91
CB KB1 C . 2.60 -18.96 -5.00
CA KB1 C . 1.94 -18.78 -6.34
N KB1 C . 2.98 -18.59 -7.39
C KB1 C . 0.97 -17.57 -6.38
O KB1 C . 1.22 -16.68 -7.20
OXT KB1 C . -0.02 -17.60 -5.59
CAP KB1 C . 4.94 -19.77 -3.15
CAY KB1 C . 5.47 -20.13 -1.76
CAK KB1 C . 4.70 -19.89 -0.63
CAI KB1 C . 5.16 -20.22 0.64
CAW KB1 C . 6.40 -20.82 0.78
FAG KB1 C . 6.85 -21.14 2.01
CAJ KB1 C . 7.20 -21.08 -0.32
CAL KB1 C . 6.72 -20.74 -1.59
CBC KB1 C . 2.64 -23.33 -2.04
OAE KB1 C . 1.23 -23.16 -2.02
CBD KB1 C . 3.02 -24.78 -1.64
OAF KB1 C . 2.00 -25.40 -0.88
CL CL D . 10.83 -26.70 -0.82
CL CL E . 19.15 -10.54 -18.70
CL CL F . 7.23 -24.06 -1.41
C URE G . -2.20 -11.49 0.44
O URE G . -2.41 -10.83 1.40
N1 URE G . -0.88 -11.49 -0.16
N2 URE G . -3.25 -12.29 -0.14
C URE H . 11.19 -16.00 -23.61
O URE H . 10.27 -16.49 -23.07
N1 URE H . 12.43 -16.75 -23.77
N2 URE H . 11.08 -14.64 -24.14
C URE I . 20.30 -30.90 -10.67
O URE I . 19.67 -30.98 -11.68
N1 URE I . 21.68 -31.36 -10.65
N2 URE I . 19.70 -30.34 -9.48
C1 IPA J . 4.40 -16.25 -2.33
C2 IPA J . 3.80 -15.65 -3.60
C3 IPA J . 2.32 -15.40 -3.36
O2 IPA J . 4.48 -14.47 -3.93
NA NA K . -4.69 -26.23 2.99
N6 KB1 L . -18.50 17.37 19.17
C6 KB1 L . -17.33 16.60 19.19
N1 KB1 L . -16.49 16.72 20.24
C2 KB1 L . -15.34 15.95 20.23
N3 KB1 L . -14.94 15.08 19.29
C4 KB1 L . -15.79 15.02 18.25
C5 KB1 L . -17.00 15.75 18.14
N7 KB1 L . -17.62 15.43 16.94
C8 KB1 L . -16.82 14.53 16.34
N9 KB1 L . -15.67 14.24 17.12
CBF KB1 L . -14.61 13.33 16.81
OAU KB1 L . -13.77 13.91 15.84
CBE KB1 L . -12.96 12.90 15.24
CAQ KB1 L . -12.72 13.31 13.77
NBG KB1 L . -11.75 12.42 13.06
CAO KB1 L . -10.38 12.93 13.42
CB KB1 L . -9.23 12.05 12.93
CA KB1 L . -7.88 12.57 13.47
N KB1 L . -7.53 13.86 12.79
C KB1 L . -6.74 11.56 13.18
O KB1 L . -5.80 11.97 12.50
OXT KB1 L . -6.86 10.42 13.71
CAP KB1 L . -11.95 12.59 11.56
CAY KB1 L . -13.19 11.88 10.99
CAK KB1 L . -13.19 10.51 10.76
CAI KB1 L . -14.29 9.83 10.25
CAW KB1 L . -15.44 10.55 9.96
FAG KB1 L . -16.51 9.90 9.46
CAJ KB1 L . -15.50 11.93 10.17
CAL KB1 L . -14.37 12.59 10.68
CBC KB1 L . -13.83 11.59 15.43
OAE KB1 L . -13.15 10.63 16.23
CBD KB1 L . -15.15 12.08 16.10
OAF KB1 L . -15.61 11.17 17.07
CL CL M . -20.18 16.77 12.23
C URE N . -1.47 0.33 21.56
O URE N . -0.97 -0.17 20.59
N1 URE N . -2.65 1.16 21.42
N2 URE N . -0.89 0.09 22.87
C URE O . -19.74 31.46 11.21
O URE O . -19.85 30.60 10.39
N1 URE O . -18.76 32.51 11.05
N2 URE O . -20.60 31.44 12.38
C URE P . 1.02 28.48 8.79
O URE P . 1.70 28.07 7.92
N1 URE P . 0.70 29.90 8.82
N2 URE P . 0.49 27.61 9.80
C URE Q . -6.35 2.64 9.94
O URE Q . -6.26 2.75 8.76
N1 URE Q . -5.71 3.64 10.78
N2 URE Q . -7.08 1.55 10.56
C URE R . 6.61 11.24 1.55
O URE R . 7.53 10.59 1.92
N1 URE R . 6.46 12.61 2.02
N2 URE R . 5.66 10.67 0.62
NA NA S . -16.66 14.00 12.83
#